data_3SQY
#
_entry.id   3SQY
#
_cell.length_a   79.393
_cell.length_b   79.393
_cell.length_c   107.979
_cell.angle_alpha   90.000
_cell.angle_beta   90.000
_cell.angle_gamma   120.000
#
_symmetry.space_group_name_H-M   'P 61 2 2'
#
loop_
_entity.id
_entity.type
_entity.pdbx_description
1 polymer 'Dihydrofolate reductase'
2 non-polymer 'NADP NICOTINAMIDE-ADENINE-DINUCLEOTIDE PHOSPHATE'
3 non-polymer 7-(2-methoxyphenyl)quinazoline-2,4-diamine
4 water water
#
_entity_poly.entity_id   1
_entity_poly.type   'polypeptide(L)'
_entity_poly.pdbx_seq_one_letter_code
;MTLSILVAHDLQRVIGFENQLPWHLPNDLKHVKKLSTGHTLVMGRKTFESIGKPLPNRRNVVLTSDTSFNVEGVDVIHSI
EDIYQLPGHVFIFGGQTLFEEMIDKVDDMYITVIEGKFRGDTFFPPYTFEDWEVASSVEGKLDEKNTIPHTFLHLIRKKL
EHHHHHH
;
_entity_poly.pdbx_strand_id   X
#
# COMPACT_ATOMS: atom_id res chain seq x y z
N THR A 2 -7.27 8.51 -11.02
CA THR A 2 -7.79 7.45 -10.11
C THR A 2 -6.96 7.45 -8.83
N LEU A 3 -7.62 7.23 -7.71
CA LEU A 3 -6.99 7.15 -6.41
C LEU A 3 -7.26 5.74 -5.89
N SER A 4 -6.19 5.00 -5.63
CA SER A 4 -6.28 3.58 -5.26
C SER A 4 -5.49 3.35 -3.97
N ILE A 5 -5.93 2.39 -3.17
CA ILE A 5 -5.09 1.80 -2.11
C ILE A 5 -4.31 0.63 -2.69
N LEU A 6 -3.08 0.49 -2.23
CA LEU A 6 -2.25 -0.67 -2.51
C LEU A 6 -1.81 -1.17 -1.14
N VAL A 7 -2.12 -2.42 -0.83
CA VAL A 7 -1.77 -2.98 0.49
C VAL A 7 -1.59 -4.50 0.43
N ALA A 8 -0.73 -5.02 1.30
CA ALA A 8 -0.69 -6.44 1.59
C ALA A 8 -1.10 -6.63 3.04
N HIS A 9 -2.10 -7.45 3.29
CA HIS A 9 -2.48 -7.72 4.68
C HIS A 9 -2.75 -9.19 4.91
N ASP A 10 -2.58 -9.65 6.15
CA ASP A 10 -2.76 -11.07 6.44
C ASP A 10 -4.22 -11.40 6.78
N LEU A 11 -4.47 -12.61 7.24
CA LEU A 11 -5.84 -13.05 7.53
C LEU A 11 -6.54 -12.24 8.62
N GLN A 12 -5.74 -11.55 9.44
CA GLN A 12 -6.27 -10.74 10.54
C GLN A 12 -6.02 -9.25 10.29
N ARG A 13 -5.67 -8.93 9.05
CA ARG A 13 -5.38 -7.56 8.59
C ARG A 13 -4.10 -6.94 9.14
N VAL A 14 -3.19 -7.78 9.67
CA VAL A 14 -1.85 -7.28 9.96
C VAL A 14 -1.19 -6.78 8.68
N ILE A 15 -0.56 -5.60 8.79
CA ILE A 15 0.26 -5.05 7.69
C ILE A 15 1.73 -4.87 8.05
N GLY A 16 2.07 -4.80 9.34
CA GLY A 16 3.44 -4.49 9.70
C GLY A 16 3.80 -4.90 11.10
N PHE A 17 5.11 -4.96 11.35
CA PHE A 17 5.64 -5.22 12.68
C PHE A 17 7.00 -4.54 12.78
N GLU A 18 7.14 -3.68 13.79
CA GLU A 18 8.41 -2.98 14.03
C GLU A 18 8.95 -2.28 12.78
N ASN A 19 8.03 -1.59 12.09
CA ASN A 19 8.36 -0.76 10.93
C ASN A 19 8.92 -1.53 9.73
N GLN A 20 8.57 -2.82 9.68
CA GLN A 20 8.86 -3.65 8.52
C GLN A 20 7.65 -4.52 8.19
N LEU A 21 7.73 -5.24 7.07
CA LEU A 21 6.71 -6.24 6.77
C LEU A 21 6.98 -7.49 7.58
N PRO A 22 5.91 -8.16 8.04
CA PRO A 22 6.10 -9.39 8.81
C PRO A 22 6.52 -10.62 7.98
N TRP A 23 6.40 -10.53 6.66
CA TRP A 23 6.63 -11.67 5.77
C TRP A 23 7.64 -11.33 4.71
N HIS A 24 8.21 -12.38 4.13
CA HIS A 24 9.06 -12.29 2.95
C HIS A 24 8.30 -12.92 1.79
N LEU A 25 7.95 -12.12 0.79
CA LEU A 25 7.15 -12.57 -0.34
C LEU A 25 7.56 -11.79 -1.60
N PRO A 26 8.63 -12.23 -2.28
CA PRO A 26 9.09 -11.51 -3.48
C PRO A 26 8.00 -11.20 -4.51
N ASN A 27 7.06 -12.13 -4.70
CA ASN A 27 6.01 -11.93 -5.70
C ASN A 27 5.10 -10.73 -5.44
N ASP A 28 4.92 -10.37 -4.17
CA ASP A 28 4.15 -9.17 -3.86
C ASP A 28 4.89 -7.90 -4.30
N LEU A 29 6.21 -7.89 -4.11
CA LEU A 29 7.01 -6.77 -4.57
C LEU A 29 6.94 -6.61 -6.08
N LYS A 30 6.92 -7.73 -6.80
CA LYS A 30 6.74 -7.73 -8.26
C LYS A 30 5.39 -7.11 -8.64
N HIS A 31 4.36 -7.47 -7.87
CA HIS A 31 3.00 -6.98 -8.06
C HIS A 31 2.95 -5.47 -7.88
N VAL A 32 3.56 -4.98 -6.80
CA VAL A 32 3.68 -3.54 -6.55
C VAL A 32 4.42 -2.83 -7.69
N LYS A 33 5.53 -3.41 -8.15
CA LYS A 33 6.29 -2.85 -9.26
C LYS A 33 5.44 -2.72 -10.51
N LYS A 34 4.73 -3.80 -10.86
CA LYS A 34 3.90 -3.83 -12.06
C LYS A 34 2.78 -2.78 -12.01
N LEU A 35 2.11 -2.68 -10.86
CA LEU A 35 1.01 -1.74 -10.74
C LEU A 35 1.42 -0.27 -10.72
N SER A 36 2.51 0.05 -10.03
CA SER A 36 2.81 1.44 -9.70
C SER A 36 3.92 2.09 -10.53
N THR A 37 4.69 1.29 -11.27
CA THR A 37 5.69 1.85 -12.18
C THR A 37 5.02 2.82 -13.16
N GLY A 38 5.60 4.01 -13.29
CA GLY A 38 5.05 5.04 -14.16
C GLY A 38 3.93 5.86 -13.54
N HIS A 39 3.60 5.57 -12.28
CA HIS A 39 2.52 6.28 -11.58
C HIS A 39 3.04 6.99 -10.31
N THR A 40 2.17 7.18 -9.32
CA THR A 40 2.54 7.91 -8.11
C THR A 40 2.22 7.09 -6.87
N LEU A 41 3.15 7.09 -5.91
CA LEU A 41 2.94 6.50 -4.60
C LEU A 41 2.87 7.62 -3.58
N VAL A 42 1.88 7.56 -2.70
CA VAL A 42 1.81 8.44 -1.52
C VAL A 42 1.95 7.59 -0.27
N MET A 43 2.92 7.94 0.57
CA MET A 43 3.18 7.18 1.77
C MET A 43 3.41 8.06 2.98
N GLY A 44 3.11 7.53 4.17
CA GLY A 44 3.46 8.21 5.40
C GLY A 44 4.95 8.23 5.64
N ARG A 45 5.38 9.10 6.55
CA ARG A 45 6.81 9.26 6.82
C ARG A 45 7.47 7.97 7.33
N LYS A 46 6.77 7.18 8.16
CA LYS A 46 7.40 5.99 8.71
C LYS A 46 7.62 4.96 7.61
N THR A 47 6.63 4.77 6.75
CA THR A 47 6.79 3.88 5.59
C THR A 47 7.98 4.30 4.72
N PHE A 48 8.11 5.60 4.46
CA PHE A 48 9.25 6.07 3.68
C PHE A 48 10.58 5.70 4.34
N GLU A 49 10.67 5.98 5.64
CA GLU A 49 11.93 5.73 6.34
C GLU A 49 12.24 4.23 6.41
N SER A 50 11.18 3.40 6.38
CA SER A 50 11.31 1.94 6.32
C SER A 50 11.92 1.47 5.00
N ILE A 51 11.41 2.01 3.89
CA ILE A 51 11.94 1.64 2.57
C ILE A 51 13.31 2.28 2.30
N GLY A 52 13.56 3.43 2.93
CA GLY A 52 14.91 4.03 2.97
C GLY A 52 15.28 4.95 1.82
N LYS A 53 14.65 4.72 0.67
CA LYS A 53 14.90 5.52 -0.54
C LYS A 53 13.66 5.45 -1.43
N PRO A 54 13.45 6.47 -2.29
CA PRO A 54 12.30 6.43 -3.20
C PRO A 54 12.40 5.25 -4.16
N LEU A 55 11.25 4.64 -4.48
CA LEU A 55 11.21 3.57 -5.45
C LEU A 55 11.42 4.14 -6.85
N PRO A 56 12.28 3.48 -7.66
CA PRO A 56 12.60 4.01 -8.98
C PRO A 56 11.41 3.94 -9.95
N ASN A 57 11.42 4.83 -10.94
CA ASN A 57 10.48 4.79 -12.06
C ASN A 57 9.03 5.08 -11.70
N ARG A 58 8.83 5.79 -10.59
CA ARG A 58 7.51 6.31 -10.21
C ARG A 58 7.69 7.54 -9.33
N ARG A 59 6.59 8.27 -9.13
CA ARG A 59 6.68 9.47 -8.31
C ARG A 59 6.45 9.03 -6.88
N ASN A 60 7.38 9.42 -6.01
CA ASN A 60 7.30 9.13 -4.58
C ASN A 60 6.92 10.41 -3.85
N VAL A 61 5.78 10.35 -3.19
CA VAL A 61 5.28 11.47 -2.40
C VAL A 61 5.18 11.03 -0.94
N VAL A 62 5.78 11.81 -0.04
CA VAL A 62 5.76 11.53 1.39
C VAL A 62 4.94 12.56 2.16
N LEU A 63 4.00 12.06 2.96
CA LEU A 63 3.19 12.88 3.84
C LEU A 63 3.80 12.91 5.24
N THR A 64 4.10 14.13 5.70
CA THR A 64 4.74 14.35 7.00
C THR A 64 4.42 15.76 7.50
N SER A 65 4.42 15.93 8.81
CA SER A 65 4.33 17.26 9.41
C SER A 65 5.68 17.97 9.48
N ASP A 66 6.76 17.26 9.18
CA ASP A 66 8.12 17.78 9.30
C ASP A 66 8.40 18.78 8.18
N THR A 67 8.47 20.06 8.55
CA THR A 67 8.72 21.11 7.57
C THR A 67 10.19 21.14 7.11
N SER A 68 11.03 20.35 7.79
CA SER A 68 12.43 20.22 7.37
C SER A 68 12.66 19.06 6.41
N PHE A 69 11.60 18.32 6.09
CA PHE A 69 11.73 17.20 5.15
C PHE A 69 11.88 17.75 3.73
N ASN A 70 13.03 17.47 3.12
CA ASN A 70 13.30 17.82 1.73
C ASN A 70 14.33 16.85 1.18
N VAL A 71 13.85 15.68 0.76
CA VAL A 71 14.71 14.55 0.36
C VAL A 71 14.80 14.44 -1.16
N GLU A 72 16.01 14.29 -1.69
CA GLU A 72 16.24 14.14 -3.13
C GLU A 72 15.43 12.97 -3.70
N GLY A 73 14.73 13.24 -4.80
CA GLY A 73 13.93 12.21 -5.48
C GLY A 73 12.56 11.95 -4.86
N VAL A 74 12.21 12.75 -3.86
CA VAL A 74 10.94 12.62 -3.15
C VAL A 74 10.23 13.97 -3.15
N ASP A 75 8.93 13.95 -3.39
CA ASP A 75 8.09 15.12 -3.19
C ASP A 75 7.45 15.02 -1.82
N VAL A 76 7.30 16.15 -1.15
CA VAL A 76 6.71 16.19 0.18
C VAL A 76 5.36 16.89 0.16
N ILE A 77 4.43 16.37 0.96
CA ILE A 77 3.17 17.05 1.23
C ILE A 77 2.92 17.07 2.74
N HIS A 78 2.10 18.01 3.20
CA HIS A 78 1.90 18.23 4.63
C HIS A 78 0.44 18.08 5.08
N SER A 79 -0.45 17.81 4.13
CA SER A 79 -1.88 17.63 4.41
C SER A 79 -2.45 16.54 3.53
N ILE A 80 -3.45 15.83 4.07
CA ILE A 80 -4.23 14.85 3.28
C ILE A 80 -4.80 15.51 2.03
N GLU A 81 -5.23 16.76 2.17
CA GLU A 81 -5.87 17.48 1.06
C GLU A 81 -4.98 17.64 -0.16
N ASP A 82 -3.66 17.69 0.05
CA ASP A 82 -2.70 17.77 -1.04
C ASP A 82 -2.74 16.58 -1.99
N ILE A 83 -3.16 15.42 -1.48
CA ILE A 83 -3.24 14.21 -2.30
C ILE A 83 -4.14 14.42 -3.51
N TYR A 84 -5.25 15.12 -3.31
CA TYR A 84 -6.26 15.30 -4.35
C TYR A 84 -5.82 16.22 -5.50
N GLN A 85 -4.69 16.90 -5.31
CA GLN A 85 -4.12 17.78 -6.34
C GLN A 85 -3.07 17.06 -7.17
N LEU A 86 -2.74 15.83 -6.79
CA LEU A 86 -1.74 15.03 -7.52
C LEU A 86 -2.35 14.44 -8.78
N PRO A 87 -1.72 14.71 -9.94
CA PRO A 87 -2.22 14.20 -11.21
C PRO A 87 -2.01 12.71 -11.42
N GLY A 88 -2.79 12.11 -12.32
CA GLY A 88 -2.59 10.74 -12.76
C GLY A 88 -3.13 9.71 -11.80
N HIS A 89 -2.59 8.50 -11.91
CA HIS A 89 -2.98 7.40 -11.04
C HIS A 89 -2.15 7.45 -9.78
N VAL A 90 -2.83 7.67 -8.66
CA VAL A 90 -2.19 7.80 -7.35
C VAL A 90 -2.54 6.59 -6.49
N PHE A 91 -1.50 5.95 -5.96
CA PHE A 91 -1.65 4.80 -5.08
C PHE A 91 -1.27 5.19 -3.65
N ILE A 92 -2.21 5.03 -2.73
CA ILE A 92 -1.92 5.15 -1.29
C ILE A 92 -1.16 3.89 -0.87
N PHE A 93 0.07 4.08 -0.41
CA PHE A 93 1.09 3.04 -0.31
C PHE A 93 1.31 2.59 1.14
N GLY A 94 0.66 3.29 2.06
CA GLY A 94 0.75 2.97 3.49
C GLY A 94 1.35 4.11 4.30
N GLY A 95 1.47 3.95 5.62
CA GLY A 95 1.19 2.71 6.32
C GLY A 95 -0.18 2.76 6.96
N GLN A 96 -0.28 2.25 8.19
CA GLN A 96 -1.57 2.16 8.88
C GLN A 96 -2.30 3.48 8.90
N THR A 97 -1.58 4.54 9.27
CA THR A 97 -2.18 5.85 9.40
C THR A 97 -2.76 6.33 8.08
N LEU A 98 -1.98 6.22 7.00
CA LEU A 98 -2.47 6.60 5.67
C LEU A 98 -3.68 5.78 5.23
N PHE A 99 -3.64 4.47 5.48
CA PHE A 99 -4.77 3.62 5.11
C PHE A 99 -6.05 3.99 5.88
N GLU A 100 -5.91 4.27 7.17
CA GLU A 100 -7.05 4.70 7.98
C GLU A 100 -7.63 6.01 7.47
N GLU A 101 -6.76 6.93 7.08
CA GLU A 101 -7.20 8.25 6.61
C GLU A 101 -7.82 8.19 5.21
N MET A 102 -7.49 7.17 4.44
CA MET A 102 -7.86 7.15 3.01
C MET A 102 -8.85 6.06 2.57
N ILE A 103 -9.10 5.07 3.41
CA ILE A 103 -9.97 3.97 2.98
C ILE A 103 -11.38 4.42 2.54
N ASP A 104 -11.92 5.47 3.16
CA ASP A 104 -13.25 5.98 2.78
C ASP A 104 -13.21 6.90 1.55
N LYS A 105 -12.01 7.24 1.09
CA LYS A 105 -11.80 8.21 0.01
C LYS A 105 -11.43 7.61 -1.34
N VAL A 106 -10.81 6.43 -1.33
CA VAL A 106 -10.27 5.86 -2.58
C VAL A 106 -11.35 5.23 -3.47
N ASP A 107 -11.04 5.12 -4.75
CA ASP A 107 -11.94 4.55 -5.75
C ASP A 107 -11.94 3.02 -5.68
N ASP A 108 -10.75 2.48 -5.40
CA ASP A 108 -10.55 1.04 -5.46
C ASP A 108 -9.34 0.67 -4.63
N MET A 109 -9.16 -0.64 -4.45
CA MET A 109 -8.08 -1.17 -3.64
C MET A 109 -7.47 -2.38 -4.33
N TYR A 110 -6.14 -2.41 -4.36
CA TYR A 110 -5.39 -3.57 -4.83
C TYR A 110 -4.78 -4.19 -3.59
N ILE A 111 -5.38 -5.29 -3.15
CA ILE A 111 -5.00 -5.95 -1.92
C ILE A 111 -4.32 -7.28 -2.23
N THR A 112 -3.17 -7.51 -1.62
CA THR A 112 -2.60 -8.86 -1.56
C THR A 112 -2.98 -9.45 -0.21
N VAL A 113 -3.87 -10.44 -0.22
CA VAL A 113 -4.23 -11.13 1.00
C VAL A 113 -3.18 -12.20 1.25
N ILE A 114 -2.43 -12.03 2.32
CA ILE A 114 -1.42 -12.99 2.75
C ILE A 114 -2.18 -14.01 3.60
N GLU A 115 -2.25 -15.24 3.13
CA GLU A 115 -3.11 -16.25 3.75
C GLU A 115 -2.43 -16.95 4.92
N GLY A 116 -2.00 -16.14 5.89
CA GLY A 116 -1.35 -16.62 7.11
C GLY A 116 -1.70 -15.71 8.27
N LYS A 117 -1.24 -16.09 9.45
CA LYS A 117 -1.45 -15.29 10.67
C LYS A 117 -0.09 -14.94 11.26
N PHE A 118 0.25 -13.66 11.18
CA PHE A 118 1.54 -13.12 11.63
C PHE A 118 1.36 -12.27 12.87
N ARG A 119 2.44 -12.10 13.62
CA ARG A 119 2.49 -11.10 14.69
C ARG A 119 2.58 -9.72 14.07
N GLY A 120 1.69 -8.82 14.45
CA GLY A 120 1.73 -7.47 13.91
C GLY A 120 1.59 -6.42 14.98
N ASP A 121 2.01 -5.21 14.64
CA ASP A 121 1.73 -4.05 15.49
C ASP A 121 0.99 -2.96 14.75
N THR A 122 0.71 -3.21 13.47
CA THR A 122 -0.04 -2.26 12.64
C THR A 122 -0.96 -3.04 11.73
N PHE A 123 -2.12 -2.45 11.45
CA PHE A 123 -3.24 -3.13 10.81
C PHE A 123 -3.88 -2.30 9.73
N PHE A 124 -4.41 -2.98 8.72
CA PHE A 124 -5.31 -2.36 7.75
C PHE A 124 -6.68 -2.25 8.42
N PRO A 125 -7.43 -1.16 8.15
CA PRO A 125 -8.73 -1.03 8.81
C PRO A 125 -9.73 -2.08 8.32
N PRO A 126 -10.69 -2.47 9.19
CA PRO A 126 -11.73 -3.40 8.74
C PRO A 126 -12.51 -2.85 7.55
N TYR A 127 -12.96 -3.75 6.68
CA TYR A 127 -13.79 -3.40 5.54
C TYR A 127 -14.69 -4.56 5.23
N THR A 128 -15.77 -4.29 4.50
CA THR A 128 -16.74 -5.34 4.20
C THR A 128 -17.00 -5.44 2.70
N PHE A 129 -17.14 -6.67 2.21
CA PHE A 129 -17.46 -6.90 0.79
C PHE A 129 -18.85 -6.42 0.38
N GLU A 130 -19.66 -5.99 1.36
CA GLU A 130 -20.92 -5.32 1.06
C GLU A 130 -20.68 -3.96 0.37
N ASP A 131 -19.50 -3.39 0.59
CA ASP A 131 -19.16 -2.07 0.06
C ASP A 131 -18.27 -2.13 -1.18
N TRP A 132 -17.73 -3.32 -1.46
CA TRP A 132 -16.66 -3.47 -2.46
C TRP A 132 -16.94 -4.62 -3.41
N GLU A 133 -16.92 -4.33 -4.72
CA GLU A 133 -17.07 -5.37 -5.73
C GLU A 133 -15.73 -6.00 -6.05
N VAL A 134 -15.71 -7.33 -6.17
CA VAL A 134 -14.50 -8.04 -6.53
C VAL A 134 -14.30 -7.98 -8.04
N ALA A 135 -13.48 -7.03 -8.48
CA ALA A 135 -13.21 -6.89 -9.91
C ALA A 135 -12.38 -8.06 -10.41
N SER A 136 -11.46 -8.54 -9.57
CA SER A 136 -10.67 -9.72 -9.88
C SER A 136 -10.10 -10.31 -8.59
N SER A 137 -9.87 -11.62 -8.64
CA SER A 137 -9.26 -12.37 -7.55
C SER A 137 -8.39 -13.44 -8.18
N VAL A 138 -7.09 -13.35 -7.93
CA VAL A 138 -6.08 -14.20 -8.55
C VAL A 138 -5.17 -14.82 -7.51
N GLU A 139 -5.12 -16.14 -7.47
CA GLU A 139 -4.24 -16.85 -6.57
C GLU A 139 -2.79 -16.68 -7.00
N GLY A 140 -1.93 -16.31 -6.06
CA GLY A 140 -0.51 -16.20 -6.33
C GLY A 140 0.10 -17.58 -6.44
N LYS A 141 1.09 -17.72 -7.33
CA LYS A 141 1.79 -18.98 -7.48
C LYS A 141 2.87 -19.15 -6.43
N LEU A 142 2.95 -20.36 -5.89
CA LEU A 142 3.92 -20.66 -4.85
C LEU A 142 5.11 -21.39 -5.43
N ASP A 143 6.29 -21.09 -4.88
CA ASP A 143 7.53 -21.75 -5.29
C ASP A 143 8.55 -21.68 -4.16
N GLU A 144 9.80 -21.96 -4.50
CA GLU A 144 10.91 -21.98 -3.53
C GLU A 144 11.12 -20.62 -2.85
N LYS A 145 10.95 -19.54 -3.59
CA LYS A 145 11.15 -18.19 -3.05
C LYS A 145 9.86 -17.58 -2.46
N ASN A 146 8.71 -18.14 -2.82
CA ASN A 146 7.40 -17.60 -2.43
C ASN A 146 6.52 -18.69 -1.84
N THR A 147 6.56 -18.79 -0.51
CA THR A 147 6.12 -20.00 0.17
C THR A 147 4.83 -19.80 0.99
N ILE A 148 4.38 -18.55 1.07
CA ILE A 148 3.15 -18.22 1.80
C ILE A 148 2.02 -18.04 0.78
N PRO A 149 0.89 -18.76 0.95
CA PRO A 149 -0.21 -18.56 0.02
C PRO A 149 -0.73 -17.13 0.03
N HIS A 150 -1.10 -16.62 -1.13
CA HIS A 150 -1.52 -15.23 -1.22
C HIS A 150 -2.46 -15.08 -2.40
N THR A 151 -3.35 -14.10 -2.30
CA THR A 151 -4.34 -13.82 -3.33
C THR A 151 -4.34 -12.34 -3.67
N PHE A 152 -4.31 -12.03 -4.95
CA PHE A 152 -4.35 -10.64 -5.40
C PHE A 152 -5.81 -10.27 -5.68
N LEU A 153 -6.33 -9.33 -4.90
CA LEU A 153 -7.69 -8.84 -5.07
C LEU A 153 -7.70 -7.43 -5.61
N HIS A 154 -8.60 -7.17 -6.55
CA HIS A 154 -8.89 -5.80 -6.96
C HIS A 154 -10.34 -5.54 -6.59
N LEU A 155 -10.53 -4.63 -5.64
CA LEU A 155 -11.85 -4.28 -5.13
C LEU A 155 -12.22 -2.89 -5.60
N ILE A 156 -13.44 -2.73 -6.10
CA ILE A 156 -13.90 -1.42 -6.56
C ILE A 156 -15.07 -1.01 -5.68
N ARG A 157 -15.08 0.25 -5.23
CA ARG A 157 -16.15 0.71 -4.37
C ARG A 157 -17.48 0.64 -5.11
N LYS A 158 -18.47 0.00 -4.50
CA LYS A 158 -19.81 -0.12 -5.08
C LYS A 158 -20.50 1.24 -5.13
#